data_5DX9
#
_entry.id   5DX9
#
_cell.length_a   63.074
_cell.length_b   63.074
_cell.length_c   284.315
_cell.angle_alpha   90.000
_cell.angle_beta   90.000
_cell.angle_gamma   120.000
#
_symmetry.space_group_name_H-M   'P 61 2 2'
#
loop_
_entity.id
_entity.type
_entity.pdbx_description
1 polymer 'trehalose-6-phosphate phosphatase'
2 branched 6-O-phosphono-alpha-D-glucopyranose-(1-1)-alpha-D-glucopyranose
3 non-polymer 'MAGNESIUM ION'
4 non-polymer BETA-MERCAPTOETHANOL
5 water water
#
_entity_poly.entity_id   1
_entity_poly.type   'polypeptide(L)'
_entity_poly.pdbx_seq_one_letter_code
;(MSE)GTPALDTAQFTDAYKKANKRLLLFNYDGTLTPIVKVPSHAVPTERTRNAIAALCKDPKNVVYLISGRDGDFLEEH
WGHLDRLGLSAEHGSFVKQPGEEDFIN(MSE)TEALD(MSE)SW(MSE)SEVEEIFKYYTERTTGSTIEVKKASITWHYR
NSDPDFGEFQCKQALDLLESSLAPRRPIEVLVGKKNLEVRPLAVNKGEIVRRL(MSE)YENPDVDLIFCAGDDKTDED
(MSE)FRALRTIFPPGGVVDNNPVV(MSE)KPPVAVTSALEPEEVAELPDVELTIRSKGVFATTVGPPAKRTLAGWHVTC
PEEVVEAFESLLEEIQVVLEHHHHHH
;
_entity_poly.pdbx_strand_id   A
#
# COMPACT_ATOMS: atom_id res chain seq x y z
N GLY A 2 0.15 5.24 20.24
CA GLY A 2 0.04 3.79 20.24
C GLY A 2 -1.35 3.33 19.84
N THR A 3 -1.50 2.02 19.68
CA THR A 3 -2.80 1.46 19.28
C THR A 3 -3.11 0.16 20.02
N PRO A 4 -4.40 -0.13 20.18
CA PRO A 4 -4.84 -1.42 20.71
C PRO A 4 -4.56 -2.52 19.69
N ALA A 5 -4.35 -3.74 20.15
CA ALA A 5 -4.17 -4.86 19.23
C ALA A 5 -5.48 -5.11 18.51
N LEU A 6 -5.38 -5.43 17.22
CA LEU A 6 -6.57 -5.68 16.40
C LEU A 6 -7.55 -6.62 17.10
N ASP A 7 -8.76 -6.12 17.35
CA ASP A 7 -9.81 -6.92 17.96
C ASP A 7 -10.41 -7.85 16.91
N THR A 8 -9.78 -9.02 16.74
CA THR A 8 -10.17 -9.97 15.71
C THR A 8 -11.62 -10.44 15.91
N ALA A 9 -12.06 -10.46 17.16
CA ALA A 9 -13.43 -10.84 17.48
C ALA A 9 -14.41 -9.83 16.88
N GLN A 10 -14.21 -8.55 17.20
CA GLN A 10 -15.07 -7.50 16.64
C GLN A 10 -14.95 -7.41 15.13
N PHE A 11 -13.76 -7.63 14.60
CA PHE A 11 -13.56 -7.58 13.15
C PHE A 11 -14.25 -8.75 12.47
N THR A 12 -14.17 -9.92 13.08
CA THR A 12 -14.80 -11.13 12.54
C THR A 12 -16.31 -10.93 12.35
N ASP A 13 -16.96 -10.40 13.37
CA ASP A 13 -18.41 -10.20 13.33
C ASP A 13 -18.80 -9.15 12.30
N ALA A 14 -18.00 -8.10 12.20
CA ALA A 14 -18.25 -7.05 11.21
C ALA A 14 -18.08 -7.62 9.80
N TYR A 15 -17.09 -8.48 9.63
CA TYR A 15 -16.82 -9.10 8.34
C TYR A 15 -18.00 -9.95 7.89
N LYS A 16 -18.61 -10.65 8.84
CA LYS A 16 -19.75 -11.51 8.54
C LYS A 16 -21.00 -10.73 8.19
N LYS A 17 -21.17 -9.57 8.82
CA LYS A 17 -22.36 -8.73 8.60
C LYS A 17 -22.30 -7.89 7.34
N ALA A 18 -21.10 -7.71 6.79
CA ALA A 18 -20.88 -6.76 5.70
C ALA A 18 -21.44 -7.23 4.36
N ASN A 19 -21.95 -6.28 3.58
CA ASN A 19 -22.46 -6.57 2.25
C ASN A 19 -21.35 -6.51 1.19
N LYS A 20 -20.55 -5.44 1.24
CA LYS A 20 -19.41 -5.31 0.34
C LYS A 20 -18.16 -4.90 1.12
N ARG A 21 -17.09 -5.68 0.96
CA ARG A 21 -15.89 -5.49 1.77
C ARG A 21 -14.67 -5.10 0.94
N LEU A 22 -14.05 -3.99 1.32
CA LEU A 22 -12.81 -3.54 0.69
C LEU A 22 -11.62 -4.03 1.52
N LEU A 23 -10.84 -4.94 0.95
CA LEU A 23 -9.73 -5.53 1.68
C LEU A 23 -8.38 -5.16 1.05
N LEU A 24 -7.60 -4.36 1.77
CA LEU A 24 -6.38 -3.79 1.22
C LEU A 24 -5.14 -4.27 1.98
N PHE A 25 -4.25 -4.95 1.28
CA PHE A 25 -3.04 -5.50 1.89
C PHE A 25 -1.75 -4.96 1.27
N ASN A 26 -0.90 -4.38 2.12
CA ASN A 26 0.49 -4.16 1.74
C ASN A 26 1.16 -5.52 1.61
N TYR A 27 2.30 -5.59 0.95
CA TYR A 27 2.95 -6.90 0.80
C TYR A 27 4.11 -7.10 1.75
N ASP A 28 5.26 -6.49 1.44
CA ASP A 28 6.46 -6.70 2.23
C ASP A 28 6.24 -6.23 3.67
N GLY A 29 6.62 -7.07 4.62
CA GLY A 29 6.48 -6.74 6.03
C GLY A 29 5.06 -6.83 6.52
N THR A 30 4.12 -7.04 5.61
CA THR A 30 2.71 -7.08 5.97
C THR A 30 2.09 -8.45 5.72
N LEU A 31 2.28 -8.98 4.51
CA LEU A 31 1.80 -10.31 4.19
C LEU A 31 2.94 -11.32 4.23
N THR A 32 4.16 -10.82 4.26
CA THR A 32 5.35 -11.66 4.27
C THR A 32 6.45 -10.93 5.02
N PRO A 33 7.31 -11.69 5.72
CA PRO A 33 8.38 -11.07 6.51
C PRO A 33 9.37 -10.26 5.67
N ILE A 34 10.02 -9.29 6.30
CA ILE A 34 11.18 -8.64 5.71
C ILE A 34 12.33 -9.65 5.71
N VAL A 35 12.99 -9.81 4.56
CA VAL A 35 14.12 -10.75 4.46
C VAL A 35 15.33 -10.10 3.79
N LYS A 36 16.42 -10.85 3.72
CA LYS A 36 17.69 -10.35 3.18
C LYS A 36 17.57 -9.90 1.72
N VAL A 37 16.92 -10.71 0.90
CA VAL A 37 16.90 -10.46 -0.54
C VAL A 37 15.50 -10.18 -1.08
N PRO A 38 15.32 -9.03 -1.76
CA PRO A 38 14.04 -8.55 -2.30
C PRO A 38 13.27 -9.58 -3.12
N SER A 39 13.97 -10.36 -3.94
CA SER A 39 13.33 -11.32 -4.84
C SER A 39 12.93 -12.59 -4.10
N HIS A 40 13.43 -12.76 -2.87
CA HIS A 40 13.15 -13.96 -2.10
C HIS A 40 11.90 -13.84 -1.23
N ALA A 41 11.24 -12.68 -1.29
CA ALA A 41 10.04 -12.45 -0.49
C ALA A 41 8.81 -13.10 -1.13
N VAL A 42 8.84 -14.41 -1.25
CA VAL A 42 7.75 -15.15 -1.89
C VAL A 42 6.71 -15.61 -0.87
N PRO A 43 5.43 -15.47 -1.21
CA PRO A 43 4.34 -15.83 -0.30
C PRO A 43 4.31 -17.33 0.01
N THR A 44 4.00 -17.67 1.25
CA THR A 44 3.91 -19.07 1.65
C THR A 44 2.67 -19.71 1.05
N GLU A 45 2.49 -21.01 1.31
CA GLU A 45 1.32 -21.72 0.81
C GLU A 45 0.06 -21.22 1.53
N ARG A 46 0.12 -21.14 2.85
CA ARG A 46 -1.01 -20.70 3.65
C ARG A 46 -1.42 -19.28 3.29
N THR A 47 -0.44 -18.42 3.03
CA THR A 47 -0.71 -17.02 2.67
C THR A 47 -1.43 -16.93 1.34
N ARG A 48 -0.90 -17.63 0.35
CA ARG A 48 -1.49 -17.68 -0.98
C ARG A 48 -2.92 -18.20 -0.92
N ASN A 49 -3.15 -19.19 -0.07
CA ASN A 49 -4.48 -19.77 0.09
C ASN A 49 -5.48 -18.78 0.69
N ALA A 50 -5.03 -18.04 1.70
CA ALA A 50 -5.89 -17.10 2.40
C ALA A 50 -6.39 -16.00 1.46
N ILE A 51 -5.47 -15.34 0.78
CA ILE A 51 -5.81 -14.28 -0.17
C ILE A 51 -6.71 -14.81 -1.27
N ALA A 52 -6.46 -16.05 -1.69
CA ALA A 52 -7.26 -16.68 -2.74
C ALA A 52 -8.72 -16.79 -2.31
N ALA A 53 -8.95 -17.35 -1.13
CA ALA A 53 -10.29 -17.50 -0.58
C ALA A 53 -11.00 -16.15 -0.47
N LEU A 54 -10.26 -15.12 -0.08
CA LEU A 54 -10.81 -13.78 0.04
C LEU A 54 -11.25 -13.26 -1.32
N CYS A 55 -10.50 -13.59 -2.36
CA CYS A 55 -10.83 -13.17 -3.71
C CYS A 55 -12.02 -13.98 -4.25
N LYS A 56 -12.11 -15.23 -3.82
CA LYS A 56 -13.19 -16.12 -4.23
C LYS A 56 -14.57 -15.57 -3.86
N ASP A 57 -14.62 -14.79 -2.78
CA ASP A 57 -15.87 -14.18 -2.34
C ASP A 57 -16.19 -12.95 -3.19
N PRO A 58 -17.35 -12.97 -3.86
CA PRO A 58 -17.84 -11.84 -4.65
C PRO A 58 -18.13 -10.61 -3.80
N LYS A 59 -18.29 -10.82 -2.50
CA LYS A 59 -18.55 -9.71 -1.57
C LYS A 59 -17.30 -8.87 -1.35
N ASN A 60 -16.14 -9.45 -1.66
CA ASN A 60 -14.87 -8.79 -1.43
C ASN A 60 -14.28 -8.10 -2.65
N VAL A 61 -13.69 -6.94 -2.42
CA VAL A 61 -12.82 -6.30 -3.42
C VAL A 61 -11.41 -6.25 -2.84
N VAL A 62 -10.53 -7.10 -3.37
CA VAL A 62 -9.22 -7.31 -2.78
C VAL A 62 -8.09 -6.72 -3.63
N TYR A 63 -7.23 -5.94 -2.97
CA TYR A 63 -6.11 -5.30 -3.65
C TYR A 63 -4.83 -5.48 -2.85
N LEU A 64 -3.71 -5.58 -3.55
CA LEU A 64 -2.41 -5.39 -2.94
C LEU A 64 -1.95 -3.97 -3.28
N ILE A 65 -1.49 -3.23 -2.28
CA ILE A 65 -0.97 -1.90 -2.51
C ILE A 65 0.48 -1.86 -2.02
N SER A 66 1.41 -1.82 -2.97
CA SER A 66 2.80 -2.05 -2.66
C SER A 66 3.75 -1.08 -3.37
N GLY A 67 4.98 -1.00 -2.89
CA GLY A 67 6.00 -0.23 -3.55
C GLY A 67 6.70 -1.08 -4.60
N ARG A 68 6.36 -2.36 -4.59
CA ARG A 68 6.91 -3.32 -5.55
C ARG A 68 6.57 -2.96 -6.99
N ASP A 69 7.36 -3.54 -7.90
CA ASP A 69 7.13 -3.39 -9.33
C ASP A 69 6.07 -4.40 -9.80
N GLY A 70 5.35 -4.03 -10.85
CA GLY A 70 4.29 -4.87 -11.38
C GLY A 70 4.73 -6.28 -11.74
N ASP A 71 5.98 -6.42 -12.18
CA ASP A 71 6.49 -7.73 -12.59
C ASP A 71 6.56 -8.71 -11.43
N PHE A 72 7.14 -8.28 -10.32
CA PHE A 72 7.25 -9.12 -9.13
C PHE A 72 5.86 -9.51 -8.62
N LEU A 73 4.95 -8.55 -8.62
CA LEU A 73 3.59 -8.78 -8.13
C LEU A 73 2.85 -9.76 -9.02
N GLU A 74 2.96 -9.57 -10.34
CA GLU A 74 2.36 -10.49 -11.31
C GLU A 74 2.90 -11.91 -11.15
N GLU A 75 4.21 -12.02 -10.96
CA GLU A 75 4.86 -13.31 -10.85
C GLU A 75 4.26 -14.18 -9.74
N HIS A 76 3.92 -13.55 -8.62
CA HIS A 76 3.50 -14.30 -7.45
C HIS A 76 2.01 -14.19 -7.16
N TRP A 77 1.33 -13.26 -7.83
CA TRP A 77 -0.09 -13.04 -7.55
C TRP A 77 -0.96 -12.95 -8.79
N GLY A 78 -0.31 -12.89 -9.96
CA GLY A 78 -1.03 -12.74 -11.22
C GLY A 78 -1.98 -13.89 -11.52
N HIS A 79 -1.79 -15.00 -10.82
CA HIS A 79 -2.60 -16.20 -11.04
C HIS A 79 -3.98 -16.09 -10.38
N LEU A 80 -4.17 -15.08 -9.55
CA LEU A 80 -5.49 -14.85 -8.94
C LEU A 80 -6.25 -13.81 -9.74
N ASP A 81 -7.26 -14.27 -10.45
CA ASP A 81 -7.99 -13.45 -11.41
C ASP A 81 -8.73 -12.28 -10.77
N ARG A 82 -9.11 -12.42 -9.51
CA ARG A 82 -9.91 -11.40 -8.85
C ARG A 82 -9.08 -10.45 -7.97
N LEU A 83 -7.78 -10.71 -7.89
CA LEU A 83 -6.91 -9.90 -7.06
C LEU A 83 -6.37 -8.67 -7.81
N GLY A 84 -6.82 -7.49 -7.37
CA GLY A 84 -6.29 -6.25 -7.90
C GLY A 84 -4.86 -6.04 -7.43
N LEU A 85 -4.08 -5.29 -8.19
CA LEU A 85 -2.69 -5.05 -7.83
C LEU A 85 -2.27 -3.60 -8.09
N SER A 86 -1.70 -2.97 -7.08
CA SER A 86 -1.17 -1.62 -7.23
C SER A 86 0.34 -1.66 -6.98
N ALA A 87 1.12 -1.15 -7.93
CA ALA A 87 2.57 -1.28 -7.87
C ALA A 87 3.26 0.07 -7.82
N GLU A 88 4.45 0.07 -7.21
CA GLU A 88 5.31 1.24 -7.16
C GLU A 88 4.61 2.44 -6.53
N HIS A 89 3.95 2.19 -5.40
CA HIS A 89 3.37 3.24 -4.58
C HIS A 89 2.24 4.00 -5.27
N GLY A 90 1.44 3.28 -6.05
CA GLY A 90 0.27 3.86 -6.67
C GLY A 90 0.54 4.54 -7.99
N SER A 91 1.68 4.22 -8.60
CA SER A 91 2.00 4.75 -9.92
C SER A 91 1.43 3.80 -10.99
N PHE A 92 1.05 2.60 -10.57
CA PHE A 92 0.42 1.63 -11.45
C PHE A 92 -0.73 0.91 -10.75
N VAL A 93 -1.77 0.57 -11.50
CA VAL A 93 -2.93 -0.10 -10.95
C VAL A 93 -3.50 -1.13 -11.91
N LYS A 94 -3.46 -2.40 -11.53
CA LYS A 94 -4.10 -3.46 -12.31
C LYS A 94 -5.34 -3.99 -11.60
N GLN A 95 -6.51 -3.54 -12.04
CA GLN A 95 -7.77 -3.99 -11.49
C GLN A 95 -7.94 -5.50 -11.63
N PRO A 96 -8.84 -6.09 -10.83
CA PRO A 96 -9.12 -7.53 -10.87
C PRO A 96 -9.55 -7.98 -12.27
N GLY A 97 -10.35 -7.17 -12.95
CA GLY A 97 -10.79 -7.51 -14.29
C GLY A 97 -9.65 -7.64 -15.28
N GLU A 98 -8.93 -6.53 -15.46
CA GLU A 98 -7.94 -6.42 -16.53
C GLU A 98 -6.70 -7.30 -16.37
N GLU A 99 -5.72 -7.08 -17.23
CA GLU A 99 -4.48 -7.84 -17.22
C GLU A 99 -3.27 -6.91 -17.35
N ASP A 100 -3.54 -5.64 -17.64
CA ASP A 100 -2.50 -4.64 -17.80
C ASP A 100 -2.62 -3.51 -16.78
N PHE A 101 -1.49 -2.93 -16.40
CA PHE A 101 -1.47 -1.88 -15.39
C PHE A 101 -1.72 -0.48 -15.98
N ILE A 102 -2.69 0.22 -15.41
CA ILE A 102 -2.94 1.62 -15.75
C ILE A 102 -1.80 2.49 -15.23
N ASN A 103 -1.05 3.12 -16.14
CA ASN A 103 0.03 4.01 -15.72
C ASN A 103 -0.51 5.34 -15.18
N THR A 105 1.17 7.66 -14.06
CA THR A 105 2.25 8.64 -14.12
C THR A 105 2.44 9.28 -15.50
N GLU A 106 1.63 8.88 -16.47
CA GLU A 106 1.78 9.36 -17.84
C GLU A 106 1.84 10.88 -17.95
N ALA A 107 1.05 11.57 -17.14
CA ALA A 107 0.97 13.03 -17.20
C ALA A 107 1.99 13.71 -16.30
N LEU A 108 2.91 12.93 -15.74
CA LEU A 108 3.89 13.47 -14.79
C LEU A 108 5.28 13.59 -15.41
N ASP A 109 6.07 14.54 -14.91
CA ASP A 109 7.43 14.75 -15.35
C ASP A 109 8.36 13.71 -14.73
N SER A 111 11.59 13.00 -15.82
CA SER A 111 12.97 13.20 -16.26
C SER A 111 13.98 13.05 -15.13
N TRP A 112 13.48 12.90 -13.90
CA TRP A 112 14.34 12.80 -12.72
C TRP A 112 14.98 11.42 -12.56
N SER A 114 16.90 9.40 -14.47
CA SER A 114 18.31 9.27 -14.82
C SER A 114 19.18 9.86 -13.72
N GLU A 115 18.81 11.03 -13.24
CA GLU A 115 19.56 11.73 -12.21
C GLU A 115 19.65 10.90 -10.94
N VAL A 116 18.53 10.29 -10.56
CA VAL A 116 18.48 9.47 -9.36
C VAL A 116 19.26 8.17 -9.55
N GLU A 117 19.12 7.56 -10.72
CA GLU A 117 19.84 6.33 -11.03
C GLU A 117 21.35 6.54 -10.96
N GLU A 118 21.79 7.69 -11.49
CA GLU A 118 23.21 8.03 -11.47
C GLU A 118 23.72 8.14 -10.04
N ILE A 119 22.92 8.76 -9.18
CA ILE A 119 23.30 8.92 -7.78
C ILE A 119 23.39 7.57 -7.07
N PHE A 120 22.39 6.72 -7.30
CA PHE A 120 22.35 5.42 -6.64
C PHE A 120 23.42 4.48 -7.17
N LYS A 121 23.74 4.62 -8.46
CA LYS A 121 24.84 3.85 -9.05
C LYS A 121 26.14 4.26 -8.41
N TYR A 122 26.29 5.56 -8.19
CA TYR A 122 27.46 6.10 -7.52
C TYR A 122 27.67 5.42 -6.18
N TYR A 123 26.60 5.32 -5.39
CA TYR A 123 26.69 4.77 -4.05
C TYR A 123 26.70 3.25 -4.04
N THR A 124 26.13 2.64 -5.08
CA THR A 124 26.14 1.19 -5.19
C THR A 124 27.57 0.70 -5.42
N GLU A 125 28.31 1.43 -6.25
CA GLU A 125 29.69 1.07 -6.58
C GLU A 125 30.64 1.29 -5.40
N ARG A 126 30.28 2.20 -4.51
CA ARG A 126 31.15 2.53 -3.39
C ARG A 126 30.61 2.02 -2.07
N THR A 127 29.59 1.17 -2.13
CA THR A 127 29.02 0.57 -0.94
C THR A 127 28.81 -0.93 -1.17
N THR A 128 29.82 -1.72 -0.79
CA THR A 128 29.77 -3.16 -1.01
C THR A 128 28.55 -3.79 -0.34
N GLY A 129 27.84 -4.62 -1.11
CA GLY A 129 26.65 -5.28 -0.60
C GLY A 129 25.39 -4.50 -0.91
N SER A 130 25.55 -3.26 -1.36
CA SER A 130 24.42 -2.45 -1.74
C SER A 130 23.93 -2.86 -3.13
N THR A 131 22.63 -2.72 -3.37
CA THR A 131 22.06 -3.08 -4.65
C THR A 131 21.11 -1.99 -5.13
N ILE A 132 20.85 -1.95 -6.43
CA ILE A 132 19.96 -0.95 -6.99
C ILE A 132 18.78 -1.62 -7.69
N GLU A 133 17.58 -1.08 -7.46
CA GLU A 133 16.38 -1.64 -8.06
C GLU A 133 15.69 -0.58 -8.91
N VAL A 134 16.10 -0.48 -10.17
CA VAL A 134 15.44 0.41 -11.11
C VAL A 134 14.11 -0.19 -11.53
N LYS A 135 13.02 0.50 -11.19
CA LYS A 135 11.70 0.03 -11.57
C LYS A 135 11.15 0.95 -12.64
N LYS A 136 9.87 0.82 -12.96
CA LYS A 136 9.31 1.54 -14.10
C LYS A 136 9.07 3.02 -13.79
N ALA A 137 8.68 3.33 -12.57
CA ALA A 137 8.41 4.72 -12.19
C ALA A 137 9.06 5.10 -10.86
N SER A 138 9.89 4.21 -10.33
CA SER A 138 10.58 4.46 -9.07
C SER A 138 11.91 3.74 -9.03
N ILE A 139 12.80 4.16 -8.13
CA ILE A 139 14.09 3.52 -7.99
C ILE A 139 14.44 3.32 -6.53
N THR A 140 14.89 2.11 -6.19
CA THR A 140 15.23 1.77 -4.83
C THR A 140 16.70 1.39 -4.69
N TRP A 141 17.36 1.97 -3.70
CA TRP A 141 18.72 1.59 -3.36
C TRP A 141 18.73 0.81 -2.06
N HIS A 142 19.19 -0.44 -2.12
CA HIS A 142 19.22 -1.30 -0.94
C HIS A 142 20.61 -1.31 -0.30
N TYR A 143 20.66 -1.29 1.03
CA TYR A 143 21.93 -1.42 1.73
C TYR A 143 21.81 -2.39 2.90
N ARG A 144 20.77 -3.23 2.89
CA ARG A 144 20.53 -4.17 3.98
C ARG A 144 21.68 -5.18 4.11
N ASN A 145 22.35 -5.46 3.01
CA ASN A 145 23.43 -6.44 3.04
C ASN A 145 24.81 -5.79 2.88
N SER A 146 24.87 -4.49 3.17
CA SER A 146 26.15 -3.81 3.28
C SER A 146 26.66 -3.96 4.71
N ASP A 147 27.89 -3.50 4.97
CA ASP A 147 28.37 -3.40 6.33
C ASP A 147 27.39 -2.53 7.11
N PRO A 148 26.98 -2.99 8.30
CA PRO A 148 26.00 -2.29 9.12
C PRO A 148 26.30 -0.80 9.29
N ASP A 149 27.53 -0.47 9.69
CA ASP A 149 27.90 0.92 9.96
C ASP A 149 28.05 1.74 8.68
N PHE A 150 28.87 1.27 7.75
CA PHE A 150 29.16 2.02 6.53
C PHE A 150 27.93 2.15 5.63
N GLY A 151 26.98 1.24 5.78
CA GLY A 151 25.75 1.28 5.02
C GLY A 151 24.87 2.45 5.42
N GLU A 152 24.69 2.64 6.73
CA GLU A 152 23.89 3.74 7.23
C GLU A 152 24.56 5.05 6.91
N PHE A 153 25.88 5.10 7.08
CA PHE A 153 26.64 6.29 6.79
C PHE A 153 26.46 6.68 5.33
N GLN A 154 26.63 5.71 4.45
CA GLN A 154 26.41 5.93 3.05
C GLN A 154 24.97 6.34 2.79
N CYS A 155 24.04 5.73 3.50
CA CYS A 155 22.63 6.08 3.34
C CYS A 155 22.38 7.52 3.68
N LYS A 156 22.96 8.00 4.75
CA LYS A 156 22.78 9.36 5.17
C LYS A 156 23.37 10.33 4.20
N GLN A 157 24.48 9.96 3.61
CA GLN A 157 25.10 10.83 2.62
C GLN A 157 24.26 10.91 1.35
N ALA A 158 23.76 9.77 0.89
CA ALA A 158 22.91 9.73 -0.29
C ALA A 158 21.61 10.49 -0.05
N LEU A 159 21.04 10.29 1.15
CA LEU A 159 19.83 11.00 1.54
C LEU A 159 20.07 12.50 1.52
N ASP A 160 21.15 12.93 2.16
CA ASP A 160 21.50 14.35 2.22
C ASP A 160 21.69 14.93 0.83
N LEU A 161 22.30 14.16 -0.07
CA LEU A 161 22.50 14.63 -1.44
C LEU A 161 21.17 14.74 -2.17
N LEU A 162 20.32 13.73 -2.04
CA LEU A 162 19.02 13.72 -2.70
C LEU A 162 18.14 14.86 -2.18
N GLU A 163 18.15 15.08 -0.87
CA GLU A 163 17.31 16.09 -0.26
C GLU A 163 17.78 17.51 -0.53
N SER A 164 19.10 17.71 -0.51
CA SER A 164 19.65 19.06 -0.62
C SER A 164 19.73 19.57 -2.06
N SER A 165 20.04 18.70 -3.01
CA SER A 165 20.33 19.16 -4.37
C SER A 165 19.32 18.71 -5.42
N LEU A 166 18.50 17.71 -5.13
CA LEU A 166 17.63 17.17 -6.16
C LEU A 166 16.14 17.34 -5.86
N ALA A 167 15.72 16.98 -4.66
CA ALA A 167 14.31 17.04 -4.26
C ALA A 167 13.68 18.41 -4.51
N PRO A 168 14.33 19.48 -4.01
CA PRO A 168 13.77 20.84 -4.10
C PRO A 168 13.52 21.34 -5.53
N ARG A 169 13.99 20.63 -6.54
CA ARG A 169 13.81 21.08 -7.91
C ARG A 169 13.22 20.01 -8.83
N ARG A 170 12.76 18.91 -8.24
CA ARG A 170 12.16 17.85 -9.02
C ARG A 170 10.86 17.37 -8.36
N PRO A 171 9.87 16.99 -9.18
CA PRO A 171 8.59 16.48 -8.69
C PRO A 171 8.72 15.06 -8.13
N ILE A 172 9.55 14.91 -7.11
CA ILE A 172 9.81 13.60 -6.52
C ILE A 172 9.57 13.61 -5.02
N GLU A 173 9.39 12.42 -4.45
CA GLU A 173 9.44 12.24 -3.00
C GLU A 173 10.52 11.23 -2.68
N VAL A 174 11.33 11.55 -1.67
CA VAL A 174 12.41 10.67 -1.27
C VAL A 174 12.00 9.87 -0.04
N LEU A 175 11.95 8.56 -0.21
CA LEU A 175 11.45 7.66 0.83
C LEU A 175 12.58 6.99 1.58
N VAL A 176 12.54 7.07 2.91
CA VAL A 176 13.46 6.30 3.74
C VAL A 176 12.78 5.02 4.20
N GLY A 177 13.08 3.93 3.51
CA GLY A 177 12.44 2.65 3.78
C GLY A 177 13.24 1.82 4.75
N LYS A 178 12.86 0.55 4.87
CA LYS A 178 13.55 -0.38 5.77
C LYS A 178 14.85 -0.83 5.15
N LYS A 179 15.94 -0.19 5.56
CA LYS A 179 17.26 -0.46 5.02
C LYS A 179 17.30 -0.18 3.52
N ASN A 180 16.60 0.87 3.09
CA ASN A 180 16.67 1.31 1.71
C ASN A 180 16.39 2.79 1.56
N LEU A 181 16.74 3.32 0.39
CA LEU A 181 16.25 4.62 -0.05
C LEU A 181 15.44 4.42 -1.33
N GLU A 182 14.33 5.15 -1.47
CA GLU A 182 13.53 5.07 -2.68
C GLU A 182 13.07 6.46 -3.13
N VAL A 183 13.05 6.67 -4.44
CA VAL A 183 12.54 7.91 -4.98
C VAL A 183 11.35 7.60 -5.85
N ARG A 184 10.25 8.31 -5.62
CA ARG A 184 9.02 8.11 -6.38
C ARG A 184 8.51 9.44 -6.89
N PRO A 185 7.57 9.39 -7.85
CA PRO A 185 6.91 10.62 -8.30
C PRO A 185 6.18 11.26 -7.12
N LEU A 186 6.25 12.58 -7.03
CA LEU A 186 5.67 13.29 -5.90
C LEU A 186 4.16 13.15 -5.84
N ALA A 187 3.52 13.05 -7.01
CA ALA A 187 2.07 13.16 -7.11
C ALA A 187 1.33 11.84 -6.91
N VAL A 188 2.06 10.77 -6.67
CA VAL A 188 1.42 9.48 -6.40
C VAL A 188 1.80 8.94 -5.02
N ASN A 189 0.87 8.23 -4.41
CA ASN A 189 1.14 7.50 -3.18
C ASN A 189 0.08 6.44 -2.95
N LYS A 190 0.32 5.57 -1.98
CA LYS A 190 -0.61 4.48 -1.70
C LYS A 190 -1.96 5.01 -1.22
N GLY A 191 -1.95 6.22 -0.66
CA GLY A 191 -3.16 6.85 -0.16
C GLY A 191 -4.13 7.20 -1.27
N GLU A 192 -3.62 7.70 -2.38
CA GLU A 192 -4.46 8.09 -3.50
C GLU A 192 -5.14 6.87 -4.13
N ILE A 193 -4.45 5.73 -4.08
CA ILE A 193 -5.01 4.49 -4.60
C ILE A 193 -6.20 4.05 -3.77
N VAL A 194 -6.03 4.11 -2.45
CA VAL A 194 -7.10 3.77 -1.53
C VAL A 194 -8.34 4.63 -1.78
N ARG A 195 -8.12 5.91 -2.07
CA ARG A 195 -9.21 6.83 -2.31
C ARG A 195 -9.89 6.56 -3.64
N ARG A 196 -9.09 6.26 -4.66
CA ARG A 196 -9.62 5.81 -5.94
C ARG A 196 -10.53 4.60 -5.73
N LEU A 197 -10.06 3.65 -4.93
CA LEU A 197 -10.82 2.43 -4.66
C LEU A 197 -12.12 2.72 -3.89
N TYR A 199 -13.79 5.58 -4.02
CA TYR A 199 -14.67 6.26 -4.98
C TYR A 199 -15.33 5.25 -5.90
N GLU A 200 -14.57 4.23 -6.30
CA GLU A 200 -15.09 3.19 -7.18
C GLU A 200 -16.15 2.34 -6.51
N ASN A 201 -16.04 2.19 -5.20
CA ASN A 201 -16.92 1.26 -4.47
C ASN A 201 -17.62 1.92 -3.30
N PRO A 202 -18.59 2.80 -3.61
CA PRO A 202 -19.33 3.59 -2.63
C PRO A 202 -20.24 2.74 -1.74
N ASP A 203 -20.37 1.46 -2.07
CA ASP A 203 -21.25 0.57 -1.32
C ASP A 203 -20.50 -0.22 -0.27
N VAL A 204 -19.20 0.02 -0.16
CA VAL A 204 -18.37 -0.63 0.84
C VAL A 204 -18.81 -0.25 2.25
N ASP A 205 -18.98 -1.26 3.11
CA ASP A 205 -19.39 -1.00 4.49
C ASP A 205 -18.41 -1.62 5.49
N LEU A 206 -17.34 -2.22 4.97
CA LEU A 206 -16.24 -2.69 5.81
C LEU A 206 -14.93 -2.51 5.07
N ILE A 207 -14.00 -1.75 5.65
CA ILE A 207 -12.70 -1.57 5.05
C ILE A 207 -11.60 -2.11 5.96
N PHE A 208 -10.77 -3.00 5.41
CA PHE A 208 -9.57 -3.43 6.09
C PHE A 208 -8.35 -2.99 5.30
N CYS A 209 -7.37 -2.43 6.00
CA CYS A 209 -6.14 -1.96 5.37
C CYS A 209 -4.97 -2.20 6.30
N ALA A 210 -3.93 -2.89 5.80
CA ALA A 210 -2.76 -3.18 6.62
C ALA A 210 -1.47 -2.78 5.91
N GLY A 211 -0.49 -2.33 6.70
CA GLY A 211 0.81 -1.92 6.19
C GLY A 211 1.81 -1.76 7.31
N ASP A 212 3.09 -1.90 7.00
CA ASP A 212 4.13 -1.93 8.02
C ASP A 212 5.07 -0.72 7.98
N ASP A 213 5.05 0.02 6.88
CA ASP A 213 6.06 1.06 6.67
C ASP A 213 5.46 2.46 6.78
N LYS A 214 6.32 3.47 6.77
CA LYS A 214 5.85 4.86 6.83
C LYS A 214 5.01 5.25 5.61
N THR A 215 5.33 4.65 4.46
CA THR A 215 4.61 4.93 3.23
C THR A 215 3.15 4.46 3.35
N ASP A 216 2.90 3.54 4.26
CA ASP A 216 1.57 2.97 4.45
C ASP A 216 0.70 3.87 5.29
N GLU A 217 1.32 4.84 5.95
CA GLU A 217 0.59 5.83 6.72
C GLU A 217 -0.28 6.69 5.80
N ASP A 218 0.11 6.77 4.52
CA ASP A 218 -0.70 7.49 3.54
C ASP A 218 -2.07 6.83 3.41
N PHE A 220 -3.49 4.97 5.82
CA PHE A 220 -4.19 5.18 7.08
C PHE A 220 -4.80 6.56 7.14
N ARG A 221 -4.07 7.56 6.65
CA ARG A 221 -4.57 8.94 6.64
C ARG A 221 -5.78 9.08 5.74
N ALA A 222 -5.72 8.48 4.55
CA ALA A 222 -6.82 8.56 3.61
C ALA A 222 -8.07 7.92 4.21
N LEU A 223 -7.88 6.88 5.01
CA LEU A 223 -8.98 6.17 5.64
C LEU A 223 -9.60 6.97 6.79
N ARG A 224 -8.96 8.08 7.15
CA ARG A 224 -9.47 8.96 8.19
C ARG A 224 -10.09 10.23 7.62
N THR A 225 -9.41 10.84 6.66
CA THR A 225 -9.81 12.16 6.17
C THR A 225 -11.04 12.15 5.26
N ILE A 226 -11.60 10.97 5.00
CA ILE A 226 -12.89 10.91 4.31
C ILE A 226 -13.99 11.39 5.26
N PHE A 227 -13.70 11.31 6.55
CA PHE A 227 -14.61 11.78 7.59
C PHE A 227 -14.15 13.14 8.09
N PRO A 228 -15.10 13.99 8.49
CA PRO A 228 -14.75 15.29 9.08
C PRO A 228 -13.88 15.11 10.31
N PRO A 229 -12.99 16.08 10.57
CA PRO A 229 -11.99 16.08 11.65
C PRO A 229 -12.53 15.65 13.02
N GLY A 230 -13.83 15.81 13.25
CA GLY A 230 -14.40 15.45 14.54
C GLY A 230 -15.32 14.26 14.45
N GLY A 231 -15.23 13.52 13.34
CA GLY A 231 -16.12 12.41 13.09
C GLY A 231 -17.43 12.89 12.48
N VAL A 232 -18.12 12.00 11.78
CA VAL A 232 -19.41 12.34 11.19
C VAL A 232 -20.41 12.66 12.28
N VAL A 233 -21.22 13.69 12.06
CA VAL A 233 -22.21 14.08 13.05
C VAL A 233 -23.61 13.64 12.63
N ASP A 234 -24.31 12.97 13.53
CA ASP A 234 -25.67 12.50 13.28
C ASP A 234 -25.71 11.47 12.16
N ASN A 235 -26.68 11.61 11.26
CA ASN A 235 -26.82 10.71 10.13
C ASN A 235 -26.46 11.40 8.82
N ASN A 236 -25.59 12.39 8.90
CA ASN A 236 -25.17 13.15 7.72
C ASN A 236 -24.54 12.26 6.65
N PRO A 237 -24.73 12.62 5.38
CA PRO A 237 -24.13 11.89 4.26
C PRO A 237 -22.64 12.18 4.15
N VAL A 238 -21.82 11.14 4.00
CA VAL A 238 -20.41 11.33 3.73
C VAL A 238 -20.19 11.35 2.22
N VAL A 239 -19.97 12.54 1.68
CA VAL A 239 -19.81 12.72 0.24
C VAL A 239 -18.34 12.78 -0.15
N LYS A 241 -15.71 13.68 -3.44
CA LYS A 241 -15.40 14.13 -4.80
C LYS A 241 -14.51 13.11 -5.50
N PRO A 242 -14.52 13.12 -6.84
CA PRO A 242 -13.60 12.28 -7.61
C PRO A 242 -12.15 12.64 -7.31
N PRO A 243 -11.37 11.66 -6.80
CA PRO A 243 -9.99 11.89 -6.39
C PRO A 243 -9.01 11.93 -7.55
N VAL A 244 -7.80 12.41 -7.28
CA VAL A 244 -6.77 12.59 -8.30
C VAL A 244 -6.41 11.28 -8.99
N ALA A 245 -6.38 10.20 -8.22
CA ALA A 245 -6.04 8.88 -8.75
C ALA A 245 -7.12 8.36 -9.70
N VAL A 246 -8.22 9.10 -9.80
CA VAL A 246 -9.29 8.76 -10.72
C VAL A 246 -9.32 9.70 -11.92
N THR A 247 -9.18 11.00 -11.64
CA THR A 247 -9.35 12.02 -12.67
C THR A 247 -8.15 12.17 -13.59
N SER A 248 -6.95 11.96 -13.04
CA SER A 248 -5.72 12.14 -13.80
C SER A 248 -5.62 11.15 -14.95
N ALA A 249 -6.25 10.00 -14.80
CA ALA A 249 -6.22 8.95 -15.83
C ALA A 249 -7.20 9.25 -16.96
N LEU A 250 -8.21 10.07 -16.66
CA LEU A 250 -9.26 10.38 -17.62
C LEU A 250 -8.93 11.62 -18.44
N GLU A 251 -9.71 11.86 -19.49
CA GLU A 251 -9.64 13.10 -20.25
C GLU A 251 -10.59 14.12 -19.63
N PRO A 252 -10.24 15.42 -19.75
CA PRO A 252 -11.00 16.52 -19.12
C PRO A 252 -12.50 16.45 -19.39
N GLU A 253 -12.89 15.93 -20.54
CA GLU A 253 -14.31 15.78 -20.85
C GLU A 253 -14.93 14.68 -20.00
N GLU A 254 -14.23 13.57 -19.85
CA GLU A 254 -14.68 12.48 -19.00
C GLU A 254 -14.78 12.95 -17.56
N VAL A 255 -13.74 13.62 -17.09
CA VAL A 255 -13.67 14.09 -15.71
C VAL A 255 -14.84 15.01 -15.35
N ALA A 256 -15.23 15.85 -16.31
CA ALA A 256 -16.30 16.81 -16.09
C ALA A 256 -17.64 16.11 -15.84
N GLU A 257 -17.72 14.84 -16.20
CA GLU A 257 -18.97 14.10 -16.10
C GLU A 257 -19.08 13.33 -14.78
N LEU A 258 -17.92 13.07 -14.16
CA LEU A 258 -17.90 12.29 -12.91
C LEU A 258 -18.56 13.04 -11.76
N PRO A 259 -19.56 12.40 -11.13
CA PRO A 259 -20.32 12.97 -10.02
C PRO A 259 -19.66 12.73 -8.67
N ASP A 260 -20.09 13.48 -7.67
CA ASP A 260 -19.71 13.21 -6.28
C ASP A 260 -20.47 11.98 -5.84
N VAL A 261 -19.86 11.17 -4.97
CA VAL A 261 -20.52 9.96 -4.52
C VAL A 261 -20.77 9.98 -3.01
N GLU A 262 -21.84 9.33 -2.58
CA GLU A 262 -22.11 9.14 -1.17
C GLU A 262 -21.52 7.81 -0.71
N LEU A 263 -20.61 7.86 0.25
CA LEU A 263 -19.98 6.65 0.75
C LEU A 263 -20.85 5.96 1.80
N THR A 264 -20.86 4.64 1.77
CA THR A 264 -21.61 3.86 2.74
C THR A 264 -20.79 3.67 4.02
N ILE A 265 -19.47 3.63 3.86
CA ILE A 265 -18.57 3.35 4.97
C ILE A 265 -18.68 4.37 6.10
N ARG A 266 -18.65 3.88 7.32
CA ARG A 266 -18.55 4.72 8.51
C ARG A 266 -17.33 4.29 9.32
N SER A 267 -16.80 5.20 10.13
CA SER A 267 -15.52 5.00 10.82
C SER A 267 -15.46 3.68 11.58
N LYS A 268 -16.58 3.27 12.15
CA LYS A 268 -16.67 2.03 12.90
C LYS A 268 -16.42 0.83 12.00
N GLY A 269 -16.62 1.03 10.70
CA GLY A 269 -16.41 -0.03 9.73
C GLY A 269 -15.00 -0.09 9.15
N VAL A 270 -14.15 0.86 9.53
CA VAL A 270 -12.79 0.92 9.00
C VAL A 270 -11.79 0.32 9.98
N PHE A 271 -11.09 -0.73 9.53
CA PHE A 271 -10.09 -1.37 10.35
C PHE A 271 -8.68 -1.14 9.80
N ALA A 272 -8.13 0.03 10.07
CA ALA A 272 -6.78 0.37 9.63
C ALA A 272 -5.75 -0.22 10.59
N THR A 273 -4.94 -1.12 10.07
CA THR A 273 -4.02 -1.88 10.89
C THR A 273 -2.56 -1.72 10.44
N THR A 274 -1.74 -1.21 11.34
CA THR A 274 -0.30 -1.16 11.08
C THR A 274 0.34 -2.43 11.60
N VAL A 275 1.45 -2.82 10.99
CA VAL A 275 2.25 -3.92 11.50
C VAL A 275 3.44 -3.36 12.28
N GLY A 276 3.51 -3.72 13.55
CA GLY A 276 4.52 -3.19 14.46
C GLY A 276 4.03 -3.33 15.89
N PRO A 277 4.79 -2.77 16.84
CA PRO A 277 4.46 -2.87 18.28
C PRO A 277 3.39 -1.87 18.72
N PRO A 278 2.73 -2.17 19.85
CA PRO A 278 1.69 -1.31 20.45
C PRO A 278 2.12 0.14 20.55
N ALA A 279 3.41 0.37 20.83
CA ALA A 279 3.89 1.72 21.07
C ALA A 279 4.08 2.50 19.77
N LYS A 280 4.04 1.80 18.64
CA LYS A 280 4.28 2.45 17.36
C LYS A 280 3.27 3.57 17.09
N ARG A 281 3.77 4.77 16.85
CA ARG A 281 2.91 5.91 16.55
C ARG A 281 2.46 5.82 15.10
N THR A 282 1.15 5.90 14.90
CA THR A 282 0.57 5.58 13.60
C THR A 282 -0.80 6.24 13.44
N LEU A 283 -1.27 6.36 12.20
CA LEU A 283 -2.61 6.87 11.94
C LEU A 283 -3.60 5.71 11.80
N ALA A 284 -3.08 4.49 11.88
CA ALA A 284 -3.94 3.31 11.92
C ALA A 284 -4.68 3.26 13.24
N GLY A 285 -5.82 2.57 13.26
CA GLY A 285 -6.59 2.44 14.48
C GLY A 285 -6.16 1.22 15.28
N TRP A 286 -5.49 0.28 14.62
CA TRP A 286 -5.09 -0.98 15.24
C TRP A 286 -3.65 -1.37 14.90
N HIS A 287 -3.18 -2.45 15.52
CA HIS A 287 -1.88 -3.01 15.16
C HIS A 287 -1.88 -4.52 15.28
N VAL A 288 -0.90 -5.12 14.60
CA VAL A 288 -0.54 -6.52 14.77
C VAL A 288 0.99 -6.55 14.74
N THR A 289 1.59 -7.39 15.57
CA THR A 289 3.05 -7.34 15.74
C THR A 289 3.83 -7.91 14.55
N CYS A 290 3.27 -8.93 13.91
CA CYS A 290 3.98 -9.65 12.85
C CYS A 290 3.11 -9.80 11.61
N PRO A 291 3.75 -9.93 10.44
CA PRO A 291 3.02 -10.18 9.20
C PRO A 291 2.27 -11.49 9.29
N GLU A 292 2.84 -12.46 9.99
CA GLU A 292 2.23 -13.78 10.12
C GLU A 292 0.89 -13.69 10.83
N GLU A 293 0.76 -12.76 11.78
CA GLU A 293 -0.49 -12.60 12.53
C GLU A 293 -1.54 -11.93 11.65
N VAL A 294 -1.10 -11.13 10.70
CA VAL A 294 -2.02 -10.52 9.75
C VAL A 294 -2.70 -11.62 8.94
N VAL A 295 -1.93 -12.61 8.52
CA VAL A 295 -2.46 -13.72 7.75
C VAL A 295 -3.34 -14.64 8.61
N GLU A 296 -2.83 -15.00 9.78
CA GLU A 296 -3.55 -15.88 10.69
C GLU A 296 -4.89 -15.29 11.11
N ALA A 297 -4.95 -13.96 11.21
CA ALA A 297 -6.21 -13.28 11.52
C ALA A 297 -7.28 -13.64 10.51
N PHE A 298 -6.89 -13.67 9.24
CA PHE A 298 -7.83 -13.97 8.18
C PHE A 298 -8.00 -15.48 8.00
N GLU A 299 -7.00 -16.25 8.42
CA GLU A 299 -7.13 -17.70 8.40
C GLU A 299 -8.15 -18.17 9.43
N SER A 300 -8.06 -17.63 10.64
CA SER A 300 -9.02 -17.95 11.69
C SER A 300 -10.40 -17.48 11.27
N LEU A 301 -10.44 -16.28 10.69
CA LEU A 301 -11.68 -15.70 10.19
C LEU A 301 -12.31 -16.58 9.11
N LEU A 302 -11.48 -17.00 8.16
CA LEU A 302 -11.95 -17.83 7.06
C LEU A 302 -12.52 -19.17 7.54
N GLU A 303 -11.80 -19.83 8.45
CA GLU A 303 -12.28 -21.08 9.03
C GLU A 303 -13.65 -20.91 9.68
N GLU A 304 -13.84 -19.81 10.40
CA GLU A 304 -15.10 -19.54 11.07
C GLU A 304 -16.24 -19.36 10.07
N ILE A 305 -15.91 -18.82 8.89
CA ILE A 305 -16.90 -18.66 7.83
C ILE A 305 -17.38 -20.01 7.32
N GLN A 306 -16.47 -20.98 7.29
CA GLN A 306 -16.81 -22.34 6.89
C GLN A 306 -17.93 -22.88 7.78
N VAL A 307 -17.76 -22.76 9.09
CA VAL A 307 -18.85 -23.02 10.01
C VAL A 307 -19.92 -21.96 9.81
N VAL A 308 -21.18 -22.32 10.00
CA VAL A 308 -22.32 -21.43 9.75
C VAL A 308 -22.14 -20.60 8.48
#